data_3LNU
#
_entry.id   3LNU
#
_cell.length_a   105.302
_cell.length_b   105.302
_cell.length_c   133.765
_cell.angle_alpha   90.00
_cell.angle_beta   90.00
_cell.angle_gamma   90.00
#
_symmetry.space_group_name_H-M   'P 42 21 2'
#
loop_
_entity.id
_entity.type
_entity.pdbx_description
1 polymer 'Topoisomerase IV subunit B'
2 water water
#
_entity_poly.entity_id   1
_entity_poly.type   'polypeptide(L)'
_entity_poly.pdbx_seq_one_letter_code
;MGSSHHHHHHSSGLVPRGSHNTRYNAADIEVLSGLDPVKRRPGMYTDTARPNHLAQEVIDNSVDEALAGHAKQIEVTLYK
DGSCEVSDDGRGMPVDIHPEEKIPGVELILTRLHAGGKFNNRNYTFSGGLHGVGVSVVNALSTKVELFIKREGSEHRMEF
RDGNAASKLEVVGTVGKKNTGTRLRFWADPKYFDTPKFNVRALRHLLRAKAVLCPGLTVKLHDEATGEQDSWYFENGLRD
YLKGEMAEHEMLPADLFVGSLKKDTEIVDWAAGWVPEGELVQESYVNLIPTAQHGTHVNGLRSGLTDALREFCDFRNLLP
RGVKLAPEDVWDRVTFVLSLKMTDPQFSGQTKERLSSRQAAGFIEGAAHDAFSLYLNQNVEIGEKIAQIAIDRASARLKT
EKQIVRKK
;
_entity_poly.pdbx_strand_id   A
#
# COMPACT_ATOMS: atom_id res chain seq x y z
N GLY A 34 -9.37 18.92 20.82
CA GLY A 34 -8.94 18.19 22.05
C GLY A 34 -8.66 16.73 21.79
N LEU A 35 -7.77 16.14 22.58
CA LEU A 35 -7.42 14.73 22.40
C LEU A 35 -8.06 13.84 23.46
N ASP A 36 -8.68 14.45 24.47
CA ASP A 36 -9.33 13.70 25.53
C ASP A 36 -10.30 12.62 25.04
N PRO A 37 -11.07 12.92 23.99
CA PRO A 37 -12.01 11.90 23.49
C PRO A 37 -11.28 10.62 23.09
N VAL A 38 -10.08 10.78 22.52
CA VAL A 38 -9.29 9.63 22.09
C VAL A 38 -8.81 8.83 23.29
N LYS A 39 -8.37 9.52 24.33
CA LYS A 39 -7.89 8.87 25.54
C LYS A 39 -9.04 8.17 26.26
N ARG A 40 -10.23 8.72 26.14
CA ARG A 40 -11.42 8.16 26.78
C ARG A 40 -11.85 6.86 26.08
N ARG A 41 -11.85 6.86 24.75
CA ARG A 41 -12.25 5.68 23.98
C ARG A 41 -11.22 5.39 22.88
N PRO A 42 -10.02 4.92 23.25
CA PRO A 42 -9.00 4.63 22.24
C PRO A 42 -9.45 3.65 21.15
N GLY A 43 -10.33 2.73 21.51
CA GLY A 43 -10.82 1.74 20.56
C GLY A 43 -11.58 2.34 19.38
N MET A 44 -12.02 3.58 19.51
CA MET A 44 -12.75 4.23 18.43
C MET A 44 -11.79 4.92 17.46
N TYR A 45 -10.53 5.02 17.84
CA TYR A 45 -9.54 5.70 16.99
C TYR A 45 -8.37 4.84 16.52
N THR A 46 -8.17 3.70 17.15
CA THR A 46 -7.07 2.83 16.75
C THR A 46 -7.35 1.40 17.19
N ASP A 47 -6.46 0.49 16.77
CA ASP A 47 -6.58 -0.92 17.16
C ASP A 47 -5.84 -1.02 18.49
N THR A 48 -6.58 -1.22 19.58
CA THR A 48 -5.98 -1.30 20.91
C THR A 48 -5.29 -2.62 21.27
N ALA A 49 -5.22 -3.55 20.32
CA ALA A 49 -4.59 -4.85 20.56
C ALA A 49 -3.10 -4.63 20.75
N ARG A 50 -2.53 -3.76 19.91
CA ARG A 50 -1.11 -3.43 19.93
C ARG A 50 -0.92 -2.11 19.19
N PRO A 51 0.28 -1.51 19.26
CA PRO A 51 0.60 -0.22 18.61
C PRO A 51 0.83 -0.19 17.10
N ASN A 52 0.65 -1.33 16.42
CA ASN A 52 0.87 -1.37 14.98
C ASN A 52 0.11 -0.29 14.20
N HIS A 53 -1.16 -0.10 14.54
CA HIS A 53 -1.96 0.90 13.84
C HIS A 53 -1.38 2.31 14.03
N LEU A 54 -0.89 2.60 15.23
CA LEU A 54 -0.29 3.92 15.49
C LEU A 54 0.88 4.11 14.53
N ALA A 55 1.73 3.10 14.40
CA ALA A 55 2.87 3.20 13.49
C ALA A 55 2.36 3.43 12.07
N GLN A 56 1.28 2.73 11.73
CA GLN A 56 0.68 2.82 10.40
C GLN A 56 0.31 4.26 10.06
N GLU A 57 -0.27 4.96 11.02
CA GLU A 57 -0.67 6.35 10.80
C GLU A 57 0.55 7.21 10.49
N VAL A 58 1.65 6.99 11.22
CA VAL A 58 2.86 7.76 10.97
C VAL A 58 3.45 7.37 9.63
N ILE A 59 3.41 6.09 9.31
CA ILE A 59 3.94 5.61 8.04
C ILE A 59 3.13 6.21 6.87
N ASP A 60 1.81 6.30 7.01
CA ASP A 60 0.99 6.84 5.93
C ASP A 60 1.41 8.27 5.57
N ASN A 61 1.80 9.07 6.57
CA ASN A 61 2.23 10.44 6.28
C ASN A 61 3.48 10.46 5.41
N SER A 62 4.43 9.58 5.70
CA SER A 62 5.65 9.52 4.91
C SER A 62 5.35 8.96 3.51
N VAL A 63 4.42 8.02 3.42
CA VAL A 63 4.10 7.44 2.12
C VAL A 63 3.45 8.49 1.22
N ASP A 64 2.65 9.39 1.80
CA ASP A 64 2.03 10.43 1.00
C ASP A 64 3.09 11.31 0.34
N GLU A 65 4.20 11.53 1.05
CA GLU A 65 5.29 12.33 0.49
C GLU A 65 5.90 11.60 -0.70
N ALA A 66 6.04 10.29 -0.56
CA ALA A 66 6.58 9.46 -1.62
C ALA A 66 5.64 9.41 -2.82
N LEU A 67 4.34 9.30 -2.56
CA LEU A 67 3.36 9.25 -3.64
C LEU A 67 3.32 10.58 -4.38
N ALA A 68 3.71 11.66 -3.70
CA ALA A 68 3.73 12.98 -4.30
C ALA A 68 5.05 13.24 -5.01
N GLY A 69 5.91 12.24 -5.04
CA GLY A 69 7.20 12.37 -5.69
C GLY A 69 8.20 13.23 -4.94
N HIS A 70 8.01 13.37 -3.63
CA HIS A 70 8.92 14.19 -2.83
C HIS A 70 9.67 13.40 -1.75
N ALA A 71 9.68 12.08 -1.86
CA ALA A 71 10.37 11.24 -0.90
C ALA A 71 10.82 9.97 -1.61
N LYS A 72 12.01 9.50 -1.27
CA LYS A 72 12.55 8.29 -1.90
C LYS A 72 13.02 7.30 -0.84
N GLN A 73 13.01 7.70 0.42
CA GLN A 73 13.49 6.84 1.49
C GLN A 73 12.65 6.95 2.76
N ILE A 74 12.24 5.80 3.29
CA ILE A 74 11.46 5.74 4.51
C ILE A 74 12.08 4.64 5.34
N GLU A 75 12.33 4.90 6.62
CA GLU A 75 12.93 3.89 7.49
C GLU A 75 12.18 3.82 8.81
N VAL A 76 11.82 2.61 9.21
CA VAL A 76 11.12 2.40 10.46
C VAL A 76 12.02 1.68 11.44
N THR A 77 12.04 2.15 12.68
CA THR A 77 12.85 1.53 13.71
C THR A 77 11.98 1.15 14.93
N LEU A 78 12.07 -0.10 15.35
CA LEU A 78 11.35 -0.56 16.53
C LEU A 78 12.43 -0.69 17.61
N TYR A 79 12.30 0.07 18.69
CA TYR A 79 13.29 0.05 19.75
C TYR A 79 12.96 -0.90 20.89
N LYS A 80 13.98 -1.30 21.64
CA LYS A 80 13.79 -2.20 22.77
C LYS A 80 12.96 -1.54 23.86
N ASP A 81 12.99 -0.20 23.92
CA ASP A 81 12.21 0.50 24.94
C ASP A 81 10.73 0.55 24.55
N GLY A 82 10.37 -0.13 23.46
CA GLY A 82 8.98 -0.16 23.03
C GLY A 82 8.56 0.96 22.10
N SER A 83 9.45 1.90 21.83
CA SER A 83 9.11 3.00 20.93
C SER A 83 9.27 2.62 19.47
N CYS A 84 8.71 3.45 18.60
CA CYS A 84 8.79 3.23 17.17
C CYS A 84 9.09 4.57 16.55
N GLU A 85 10.00 4.57 15.59
CA GLU A 85 10.35 5.80 14.91
C GLU A 85 10.21 5.58 13.42
N VAL A 86 9.73 6.62 12.73
CA VAL A 86 9.54 6.59 11.30
C VAL A 86 10.21 7.83 10.78
N SER A 87 11.15 7.62 9.86
CA SER A 87 11.93 8.69 9.27
C SER A 87 11.80 8.69 7.75
N ASP A 88 11.67 9.88 7.15
CA ASP A 88 11.58 9.99 5.70
C ASP A 88 12.39 11.18 5.20
N ASP A 89 12.67 11.21 3.91
CA ASP A 89 13.43 12.30 3.30
C ASP A 89 12.48 13.14 2.46
N GLY A 90 11.28 13.34 2.98
CA GLY A 90 10.28 14.14 2.30
C GLY A 90 10.54 15.62 2.47
N ARG A 91 9.53 16.45 2.20
CA ARG A 91 9.68 17.89 2.31
C ARG A 91 9.73 18.36 3.76
N GLY A 92 9.28 17.49 4.66
CA GLY A 92 9.27 17.81 6.08
C GLY A 92 7.96 18.45 6.52
N MET A 93 7.52 18.12 7.72
CA MET A 93 6.28 18.69 8.26
C MET A 93 6.45 20.19 8.48
N PRO A 94 5.35 20.96 8.40
CA PRO A 94 5.38 22.41 8.58
C PRO A 94 6.05 22.88 9.88
N VAL A 95 6.95 23.86 9.73
CA VAL A 95 7.67 24.40 10.88
C VAL A 95 7.37 25.89 11.08
N ASP A 96 6.29 26.37 10.46
CA ASP A 96 5.92 27.77 10.60
C ASP A 96 4.95 27.93 11.78
N ILE A 97 4.67 29.17 12.15
CA ILE A 97 3.77 29.42 13.26
C ILE A 97 2.42 29.90 12.74
N HIS A 98 1.35 29.32 13.30
CA HIS A 98 -0.01 29.66 12.92
C HIS A 98 -0.35 31.05 13.48
N PRO A 99 -0.73 31.99 12.59
CA PRO A 99 -1.07 33.37 12.98
C PRO A 99 -2.15 33.46 14.05
N GLU A 100 -3.18 32.61 13.95
CA GLU A 100 -4.25 32.63 14.94
C GLU A 100 -3.88 31.84 16.19
N GLU A 101 -3.54 30.57 16.00
CA GLU A 101 -3.18 29.69 17.13
C GLU A 101 -1.93 30.13 17.88
N LYS A 102 -1.01 30.80 17.19
CA LYS A 102 0.23 31.26 17.82
C LYS A 102 1.13 30.08 18.19
N ILE A 103 0.89 28.93 17.58
CA ILE A 103 1.69 27.75 17.86
C ILE A 103 2.16 27.11 16.55
N PRO A 104 3.20 26.29 16.61
CA PRO A 104 3.74 25.62 15.41
C PRO A 104 2.66 24.82 14.68
N GLY A 105 2.64 24.91 13.36
CA GLY A 105 1.67 24.16 12.59
C GLY A 105 1.75 22.67 12.87
N VAL A 106 2.96 22.17 13.11
CA VAL A 106 3.14 20.76 13.40
C VAL A 106 2.46 20.41 14.72
N GLU A 107 2.50 21.33 15.67
CA GLU A 107 1.86 21.10 16.96
C GLU A 107 0.34 20.94 16.78
N LEU A 108 -0.24 21.72 15.88
CA LEU A 108 -1.69 21.64 15.63
C LEU A 108 -2.04 20.28 15.04
N ILE A 109 -1.15 19.74 14.21
CA ILE A 109 -1.35 18.44 13.60
C ILE A 109 -1.40 17.37 14.69
N LEU A 110 -0.47 17.43 15.64
CA LEU A 110 -0.42 16.45 16.72
C LEU A 110 -1.38 16.64 17.90
N THR A 111 -1.98 17.81 18.02
CA THR A 111 -2.88 18.07 19.16
C THR A 111 -4.34 18.35 18.82
N ARG A 112 -4.67 18.38 17.53
CA ARG A 112 -6.04 18.64 17.11
C ARG A 112 -6.64 17.48 16.35
N LEU A 113 -7.92 17.23 16.61
CA LEU A 113 -8.69 16.16 15.97
C LEU A 113 -8.25 14.77 16.41
N GLY A 134 -5.81 10.61 12.44
CA GLY A 134 -4.46 10.89 11.95
C GLY A 134 -3.36 10.74 12.99
N VAL A 135 -2.24 11.42 12.76
CA VAL A 135 -1.11 11.35 13.66
C VAL A 135 -1.38 11.93 15.05
N SER A 136 -2.49 12.66 15.21
CA SER A 136 -2.81 13.20 16.53
C SER A 136 -3.19 12.05 17.47
N VAL A 137 -3.72 10.98 16.91
CA VAL A 137 -4.10 9.81 17.70
C VAL A 137 -2.84 9.15 18.26
N VAL A 138 -1.77 9.16 17.46
CA VAL A 138 -0.52 8.59 17.95
C VAL A 138 -0.08 9.39 19.17
N ASN A 139 -0.10 10.70 19.07
CA ASN A 139 0.33 11.55 20.18
C ASN A 139 -0.59 11.42 21.42
N ALA A 140 -1.88 11.27 21.19
CA ALA A 140 -2.81 11.15 22.31
C ALA A 140 -2.63 9.87 23.11
N LEU A 141 -2.19 8.82 22.45
CA LEU A 141 -2.03 7.53 23.11
C LEU A 141 -0.58 7.17 23.48
N SER A 142 0.30 8.17 23.41
CA SER A 142 1.72 7.97 23.72
C SER A 142 2.19 8.77 24.92
N THR A 143 3.03 8.19 25.76
CA THR A 143 3.50 8.95 26.90
C THR A 143 4.46 10.01 26.39
N LYS A 144 5.09 9.73 25.24
CA LYS A 144 6.04 10.67 24.66
C LYS A 144 6.12 10.57 23.15
N VAL A 145 6.38 11.72 22.54
CA VAL A 145 6.56 11.84 21.10
C VAL A 145 7.66 12.87 20.89
N GLU A 146 8.65 12.52 20.07
CA GLU A 146 9.73 13.43 19.76
C GLU A 146 9.94 13.40 18.26
N LEU A 147 9.93 14.57 17.65
CA LEU A 147 10.10 14.66 16.22
C LEU A 147 11.16 15.68 15.84
N PHE A 148 11.85 15.36 14.74
CA PHE A 148 12.89 16.20 14.20
C PHE A 148 12.49 16.47 12.76
N ILE A 149 12.49 17.74 12.38
CA ILE A 149 12.11 18.13 11.03
C ILE A 149 13.22 18.92 10.37
N LYS A 150 13.60 18.49 9.17
CA LYS A 150 14.63 19.20 8.42
C LYS A 150 13.86 19.89 7.29
N ARG A 151 13.91 21.22 7.30
CA ARG A 151 13.20 22.00 6.30
C ARG A 151 13.76 23.43 6.29
N GLU A 152 13.91 24.00 5.10
CA GLU A 152 14.42 25.35 4.94
C GLU A 152 15.82 25.59 5.53
N GLY A 153 16.70 24.60 5.39
CA GLY A 153 18.06 24.75 5.87
C GLY A 153 18.28 24.57 7.37
N SER A 154 17.25 24.14 8.09
CA SER A 154 17.42 23.93 9.53
C SER A 154 16.76 22.64 9.99
N GLU A 155 17.25 22.12 11.09
CA GLU A 155 16.70 20.93 11.69
C GLU A 155 16.00 21.40 12.96
N HIS A 156 14.72 21.07 13.06
CA HIS A 156 13.90 21.47 14.19
C HIS A 156 13.55 20.27 15.05
N ARG A 157 13.19 20.55 16.29
CA ARG A 157 12.82 19.50 17.22
C ARG A 157 11.65 19.94 18.09
N MET A 158 10.73 19.00 18.35
CA MET A 158 9.61 19.27 19.24
C MET A 158 9.29 18.00 20.01
N GLU A 159 8.87 18.16 21.26
CA GLU A 159 8.55 17.01 22.09
C GLU A 159 7.15 17.14 22.68
N PHE A 160 6.53 16.00 22.92
CA PHE A 160 5.21 15.96 23.50
C PHE A 160 5.20 14.94 24.61
N ARG A 161 4.35 15.19 25.60
CA ARG A 161 4.19 14.30 26.75
C ARG A 161 2.70 14.12 26.97
N ASP A 162 2.26 12.87 26.94
CA ASP A 162 0.85 12.54 27.12
C ASP A 162 -0.04 13.40 26.24
N GLY A 163 0.40 13.61 25.00
CA GLY A 163 -0.38 14.41 24.06
C GLY A 163 -0.23 15.92 24.17
N ASN A 164 0.46 16.40 25.20
CA ASN A 164 0.64 17.84 25.39
C ASN A 164 2.05 18.28 24.98
N ALA A 165 2.15 19.47 24.38
CA ALA A 165 3.45 19.99 23.98
C ALA A 165 4.35 20.03 25.21
N ALA A 166 5.55 19.46 25.10
CA ALA A 166 6.47 19.44 26.22
C ALA A 166 7.69 20.34 25.94
N SER A 167 7.60 21.11 24.85
CA SER A 167 8.69 22.02 24.50
C SER A 167 8.22 22.92 23.37
N LYS A 168 9.08 23.85 22.97
CA LYS A 168 8.77 24.75 21.88
C LYS A 168 9.40 24.15 20.61
N LEU A 169 9.15 24.76 19.46
CA LEU A 169 9.75 24.31 18.22
C LEU A 169 11.16 24.85 18.31
N GLU A 170 12.12 23.96 18.52
CA GLU A 170 13.53 24.34 18.68
C GLU A 170 14.40 24.15 17.43
N VAL A 171 15.32 25.08 17.21
CA VAL A 171 16.24 24.97 16.08
C VAL A 171 17.43 24.25 16.69
N VAL A 172 17.64 23.00 16.29
CA VAL A 172 18.73 22.19 16.86
C VAL A 172 19.90 21.94 15.93
N GLY A 173 19.75 22.27 14.65
CA GLY A 173 20.84 22.05 13.73
C GLY A 173 20.70 22.86 12.46
N THR A 174 21.78 22.93 11.68
CA THR A 174 21.77 23.65 10.42
C THR A 174 22.16 22.64 9.35
N VAL A 175 21.36 22.54 8.30
CA VAL A 175 21.62 21.59 7.23
C VAL A 175 21.51 22.22 5.84
N GLY A 176 21.96 21.48 4.83
CA GLY A 176 21.89 21.96 3.46
C GLY A 176 20.45 22.19 3.06
N LYS A 177 20.26 23.01 2.02
CA LYS A 177 18.91 23.32 1.54
C LYS A 177 18.16 22.10 1.03
N LYS A 178 18.87 21.17 0.40
CA LYS A 178 18.24 19.95 -0.12
C LYS A 178 18.05 18.87 0.95
N ASN A 179 18.63 19.06 2.13
CA ASN A 179 18.49 18.07 3.20
C ASN A 179 17.18 18.31 3.94
N THR A 180 16.15 17.56 3.57
CA THR A 180 14.85 17.72 4.21
C THR A 180 14.26 16.38 4.65
N GLY A 181 13.27 16.44 5.51
CA GLY A 181 12.64 15.22 5.96
C GLY A 181 12.03 15.31 7.33
N THR A 182 11.36 14.22 7.72
CA THR A 182 10.71 14.17 9.01
C THR A 182 11.01 12.83 9.67
N ARG A 183 11.23 12.87 10.97
CA ARG A 183 11.46 11.66 11.75
C ARG A 183 10.62 11.86 13.01
N LEU A 184 9.76 10.88 13.28
CA LEU A 184 8.88 10.95 14.43
C LEU A 184 8.95 9.62 15.17
N ARG A 185 9.29 9.71 16.45
CA ARG A 185 9.43 8.56 17.33
C ARG A 185 8.38 8.70 18.42
N PHE A 186 7.63 7.63 18.68
CA PHE A 186 6.61 7.68 19.70
C PHE A 186 6.70 6.51 20.67
N TRP A 187 6.36 6.79 21.92
CA TRP A 187 6.38 5.82 23.01
C TRP A 187 4.93 5.56 23.42
N ALA A 188 4.32 4.56 22.80
CA ALA A 188 2.93 4.24 23.11
C ALA A 188 2.76 3.97 24.61
N ASP A 189 1.68 4.48 25.19
CA ASP A 189 1.39 4.28 26.62
C ASP A 189 0.73 2.91 26.73
N PRO A 190 1.43 1.93 27.32
CA PRO A 190 0.90 0.57 27.46
C PRO A 190 -0.49 0.44 28.11
N LYS A 191 -0.90 1.42 28.90
CA LYS A 191 -2.21 1.34 29.56
C LYS A 191 -3.37 1.39 28.56
N TYR A 192 -3.10 1.68 27.30
CA TYR A 192 -4.15 1.76 26.29
C TYR A 192 -4.22 0.50 25.44
N PHE A 193 -3.15 -0.28 25.44
CA PHE A 193 -3.09 -1.47 24.60
C PHE A 193 -3.02 -2.78 25.40
N ASP A 194 -3.45 -3.88 24.77
CA ASP A 194 -3.39 -5.17 25.44
C ASP A 194 -1.92 -5.50 25.63
N THR A 195 -1.11 -5.14 24.64
CA THR A 195 0.34 -5.36 24.72
C THR A 195 1.09 -4.25 24.02
N PRO A 196 2.25 -3.87 24.57
CA PRO A 196 3.04 -2.81 23.95
C PRO A 196 3.90 -3.33 22.80
N LYS A 197 3.95 -4.65 22.66
CA LYS A 197 4.74 -5.28 21.61
C LYS A 197 4.15 -5.12 20.21
N PHE A 198 5.02 -4.88 19.22
CA PHE A 198 4.59 -4.72 17.84
C PHE A 198 4.59 -6.08 17.14
N ASN A 199 3.63 -6.29 16.24
CA ASN A 199 3.59 -7.52 15.47
C ASN A 199 4.55 -7.19 14.32
N VAL A 200 5.82 -7.58 14.47
CA VAL A 200 6.84 -7.28 13.47
C VAL A 200 6.55 -7.89 12.10
N ARG A 201 5.99 -9.10 12.10
CA ARG A 201 5.67 -9.79 10.86
C ARG A 201 4.64 -9.00 10.06
N ALA A 202 3.62 -8.49 10.73
CA ALA A 202 2.59 -7.72 10.04
C ALA A 202 3.17 -6.42 9.52
N LEU A 203 4.10 -5.84 10.28
CA LEU A 203 4.71 -4.59 9.88
C LEU A 203 5.61 -4.80 8.65
N ARG A 204 6.26 -5.95 8.57
CA ARG A 204 7.12 -6.25 7.42
C ARG A 204 6.29 -6.29 6.15
N HIS A 205 5.16 -6.97 6.21
CA HIS A 205 4.29 -7.07 5.04
C HIS A 205 3.79 -5.69 4.62
N LEU A 206 3.37 -4.90 5.61
CA LEU A 206 2.86 -3.57 5.36
C LEU A 206 3.89 -2.66 4.70
N LEU A 207 5.11 -2.63 5.25
CA LEU A 207 6.18 -1.80 4.69
C LEU A 207 6.56 -2.26 3.29
N ARG A 208 6.60 -3.56 3.07
CA ARG A 208 6.95 -4.07 1.74
C ARG A 208 5.92 -3.55 0.73
N ALA A 209 4.65 -3.61 1.10
CA ALA A 209 3.58 -3.13 0.23
C ALA A 209 3.80 -1.67 -0.19
N LYS A 210 4.26 -0.83 0.73
CA LYS A 210 4.50 0.56 0.39
C LYS A 210 5.52 0.67 -0.73
N ALA A 211 6.54 -0.18 -0.70
CA ALA A 211 7.58 -0.17 -1.72
C ALA A 211 6.98 -0.65 -3.05
N VAL A 212 6.11 -1.65 -2.96
CA VAL A 212 5.45 -2.20 -4.13
C VAL A 212 4.53 -1.18 -4.79
N LEU A 213 3.70 -0.54 -3.97
CA LEU A 213 2.73 0.45 -4.46
C LEU A 213 3.30 1.81 -4.83
N CYS A 214 4.57 2.05 -4.53
CA CYS A 214 5.22 3.31 -4.85
C CYS A 214 6.57 3.02 -5.51
N PRO A 215 6.57 2.83 -6.84
CA PRO A 215 7.76 2.54 -7.63
C PRO A 215 8.92 3.47 -7.34
N GLY A 216 10.09 2.93 -7.01
CA GLY A 216 11.25 3.77 -6.76
C GLY A 216 11.49 4.10 -5.30
N LEU A 217 10.50 3.86 -4.46
CA LEU A 217 10.61 4.12 -3.03
C LEU A 217 11.35 2.99 -2.32
N THR A 218 12.33 3.35 -1.48
CA THR A 218 13.07 2.36 -0.70
C THR A 218 12.52 2.41 0.72
N VAL A 219 12.13 1.26 1.25
CA VAL A 219 11.56 1.19 2.59
C VAL A 219 12.42 0.26 3.45
N LYS A 220 12.73 0.69 4.67
CA LYS A 220 13.57 -0.11 5.56
C LYS A 220 12.91 -0.31 6.92
N LEU A 221 13.20 -1.46 7.54
CA LEU A 221 12.70 -1.78 8.87
C LEU A 221 13.90 -2.23 9.70
N HIS A 222 14.01 -1.70 10.90
CA HIS A 222 15.11 -2.06 11.79
C HIS A 222 14.54 -2.43 13.14
N ASP A 223 14.70 -3.70 13.53
CA ASP A 223 14.21 -4.18 14.81
C ASP A 223 15.40 -4.28 15.76
N GLU A 224 15.48 -3.35 16.70
CA GLU A 224 16.58 -3.31 17.65
C GLU A 224 16.67 -4.51 18.59
N ALA A 225 15.51 -5.08 18.92
CA ALA A 225 15.49 -6.24 19.82
C ALA A 225 16.29 -7.40 19.24
N THR A 226 16.06 -7.70 17.97
CA THR A 226 16.74 -8.79 17.30
C THR A 226 17.92 -8.32 16.45
N GLY A 227 17.96 -7.03 16.15
CA GLY A 227 19.02 -6.52 15.31
C GLY A 227 18.74 -6.78 13.85
N GLU A 228 17.63 -7.45 13.55
CA GLU A 228 17.29 -7.77 12.15
C GLU A 228 16.92 -6.53 11.33
N GLN A 229 17.45 -6.48 10.11
CA GLN A 229 17.19 -5.38 9.20
C GLN A 229 16.57 -5.85 7.86
N ASP A 230 15.66 -5.04 7.31
CA ASP A 230 14.99 -5.34 6.05
C ASP A 230 15.03 -4.13 5.14
N SER A 231 15.02 -4.38 3.83
CA SER A 231 15.05 -3.30 2.86
C SER A 231 14.26 -3.72 1.63
N TRP A 232 13.28 -2.92 1.24
CA TRP A 232 12.45 -3.23 0.09
C TRP A 232 12.53 -2.11 -0.93
N TYR A 233 12.66 -2.48 -2.20
CA TYR A 233 12.76 -1.54 -3.31
C TYR A 233 12.33 -2.24 -4.59
N PHE A 234 11.47 -1.58 -5.36
CA PHE A 234 10.97 -2.14 -6.61
C PHE A 234 10.94 -1.03 -7.66
N GLU A 235 11.96 -0.98 -8.51
CA GLU A 235 12.04 0.06 -9.52
C GLU A 235 10.79 0.14 -10.39
N ASN A 236 10.24 -1.02 -10.73
CA ASN A 236 9.05 -1.13 -11.57
C ASN A 236 7.75 -1.09 -10.77
N GLY A 237 7.84 -1.42 -9.49
CA GLY A 237 6.66 -1.46 -8.67
C GLY A 237 6.04 -2.84 -8.74
N LEU A 238 4.78 -2.90 -9.18
CA LEU A 238 4.05 -4.16 -9.27
C LEU A 238 4.73 -5.29 -10.03
N ARG A 239 5.24 -4.99 -11.22
CA ARG A 239 5.87 -6.03 -12.03
C ARG A 239 7.11 -6.64 -11.37
N ASP A 240 8.05 -5.81 -10.92
CA ASP A 240 9.24 -6.34 -10.26
C ASP A 240 8.89 -7.18 -9.04
N TYR A 241 7.92 -6.71 -8.26
CA TYR A 241 7.51 -7.45 -7.07
C TYR A 241 6.91 -8.81 -7.42
N LEU A 242 5.93 -8.83 -8.32
CA LEU A 242 5.30 -10.10 -8.67
C LEU A 242 6.30 -11.06 -9.32
N LYS A 243 7.16 -10.54 -10.19
CA LYS A 243 8.17 -11.39 -10.84
C LYS A 243 9.07 -12.05 -9.78
N GLY A 244 9.50 -11.26 -8.81
CA GLY A 244 10.36 -11.79 -7.76
C GLY A 244 9.67 -12.85 -6.91
N GLU A 245 8.40 -12.62 -6.61
CA GLU A 245 7.63 -13.57 -5.79
C GLU A 245 7.30 -14.86 -6.52
N MET A 246 7.26 -14.81 -7.85
CA MET A 246 6.93 -15.99 -8.64
C MET A 246 8.12 -16.51 -9.44
N ALA A 247 9.31 -16.05 -9.10
CA ALA A 247 10.53 -16.45 -9.80
C ALA A 247 10.77 -17.96 -9.78
N GLU A 248 10.14 -18.65 -8.84
CA GLU A 248 10.32 -20.09 -8.74
C GLU A 248 9.44 -20.90 -9.70
N HIS A 249 8.48 -20.25 -10.34
CA HIS A 249 7.60 -20.96 -11.28
C HIS A 249 7.54 -20.32 -12.67
N GLU A 250 7.30 -21.13 -13.69
CA GLU A 250 7.21 -20.59 -15.04
C GLU A 250 5.78 -20.07 -15.20
N MET A 251 5.64 -18.99 -15.96
CA MET A 251 4.33 -18.42 -16.17
C MET A 251 4.24 -17.74 -17.51
N LEU A 252 3.02 -17.41 -17.91
CA LEU A 252 2.76 -16.75 -19.18
C LEU A 252 1.96 -15.47 -18.92
N PRO A 253 2.46 -14.32 -19.37
CA PRO A 253 3.73 -14.16 -20.10
C PRO A 253 4.88 -14.38 -19.10
N ALA A 254 6.06 -14.75 -19.60
CA ALA A 254 7.22 -14.97 -18.74
C ALA A 254 7.48 -13.74 -17.86
N ASP A 255 7.35 -12.55 -18.45
CA ASP A 255 7.58 -11.31 -17.71
C ASP A 255 6.27 -10.64 -17.29
N LEU A 256 5.21 -11.44 -17.19
CA LEU A 256 3.87 -10.98 -16.80
C LEU A 256 3.14 -10.20 -17.88
N PHE A 257 1.90 -9.82 -17.59
CA PHE A 257 1.13 -9.01 -18.52
C PHE A 257 0.84 -7.84 -17.59
N VAL A 258 1.27 -6.66 -18.01
CA VAL A 258 1.10 -5.45 -17.21
C VAL A 258 0.27 -4.40 -17.94
N GLY A 259 -0.47 -3.60 -17.17
CA GLY A 259 -1.28 -2.57 -17.78
C GLY A 259 -1.66 -1.51 -16.78
N SER A 260 -2.12 -0.37 -17.27
CA SER A 260 -2.52 0.72 -16.41
C SER A 260 -3.39 1.70 -17.20
N LEU A 261 -4.26 2.39 -16.48
CA LEU A 261 -5.14 3.37 -17.10
C LEU A 261 -5.52 4.47 -16.11
N LYS A 262 -5.59 5.70 -16.61
CA LYS A 262 -5.97 6.85 -15.80
C LYS A 262 -7.01 7.66 -16.53
N LYS A 263 -8.12 7.94 -15.84
CA LYS A 263 -9.20 8.75 -16.39
C LYS A 263 -9.29 9.95 -15.47
N ASP A 264 -8.24 10.17 -14.69
CA ASP A 264 -8.21 11.26 -13.74
C ASP A 264 -8.53 11.50 -12.26
N THR A 265 -9.26 10.57 -11.65
CA THR A 265 -9.67 10.69 -10.25
C THR A 265 -9.51 9.18 -10.07
N GLU A 266 -9.78 8.42 -11.12
CA GLU A 266 -9.64 6.96 -11.07
C GLU A 266 -8.37 6.50 -11.77
N ILE A 267 -7.59 5.69 -11.08
CA ILE A 267 -6.35 5.16 -11.63
C ILE A 267 -6.22 3.70 -11.27
N VAL A 268 -5.82 2.87 -12.24
CA VAL A 268 -5.64 1.46 -11.97
C VAL A 268 -4.32 0.97 -12.54
N ASP A 269 -3.69 0.07 -11.80
CA ASP A 269 -2.41 -0.51 -12.20
C ASP A 269 -2.45 -1.99 -11.84
N TRP A 270 -1.87 -2.84 -12.68
CA TRP A 270 -1.88 -4.27 -12.40
C TRP A 270 -0.76 -5.03 -13.09
N ALA A 271 -0.49 -6.24 -12.58
CA ALA A 271 0.48 -7.16 -13.15
C ALA A 271 -0.16 -8.54 -12.98
N ALA A 272 -0.25 -9.31 -14.06
CA ALA A 272 -0.85 -10.63 -14.00
C ALA A 272 -0.18 -11.66 -14.90
N GLY A 273 -0.29 -12.92 -14.50
CA GLY A 273 0.30 -14.00 -15.29
C GLY A 273 -0.43 -15.28 -15.00
N TRP A 274 -0.31 -16.24 -15.91
CA TRP A 274 -0.96 -17.53 -15.73
C TRP A 274 0.14 -18.52 -15.35
N VAL A 275 -0.08 -19.20 -14.22
CA VAL A 275 0.88 -20.16 -13.67
C VAL A 275 0.30 -21.57 -13.69
N PRO A 276 0.78 -22.42 -14.61
CA PRO A 276 0.29 -23.80 -14.69
C PRO A 276 0.42 -24.55 -13.35
N GLU A 277 1.53 -24.35 -12.66
CA GLU A 277 1.75 -25.01 -11.37
C GLU A 277 2.44 -24.13 -10.35
N GLY A 278 1.96 -24.17 -9.11
CA GLY A 278 2.57 -23.38 -8.07
C GLY A 278 1.59 -22.52 -7.29
N GLU A 279 2.02 -22.07 -6.11
CA GLU A 279 1.20 -21.23 -5.27
C GLU A 279 0.99 -19.89 -5.96
N LEU A 280 -0.24 -19.38 -5.93
CA LEU A 280 -0.53 -18.12 -6.61
C LEU A 280 -0.56 -16.91 -5.69
N VAL A 281 0.03 -15.82 -6.16
CA VAL A 281 0.01 -14.59 -5.39
C VAL A 281 -1.19 -13.79 -5.91
N GLN A 282 -2.12 -13.46 -5.02
CA GLN A 282 -3.31 -12.70 -5.41
C GLN A 282 -3.53 -11.61 -4.36
N GLU A 283 -3.11 -10.38 -4.70
CA GLU A 283 -3.23 -9.24 -3.79
C GLU A 283 -3.86 -8.04 -4.49
N SER A 284 -4.80 -7.40 -3.81
CA SER A 284 -5.46 -6.24 -4.40
C SER A 284 -5.47 -5.10 -3.40
N TYR A 285 -5.42 -3.87 -3.91
CA TYR A 285 -5.41 -2.71 -3.05
C TYR A 285 -6.31 -1.61 -3.60
N VAL A 286 -6.78 -0.75 -2.70
CA VAL A 286 -7.62 0.38 -3.04
C VAL A 286 -7.03 1.55 -2.25
N ASN A 287 -6.48 2.54 -2.95
CA ASN A 287 -5.84 3.68 -2.29
C ASN A 287 -4.81 3.18 -1.28
N LEU A 288 -3.98 2.22 -1.68
CA LEU A 288 -2.94 1.65 -0.82
C LEU A 288 -3.50 0.80 0.31
N ILE A 289 -4.82 0.71 0.40
CA ILE A 289 -5.45 -0.10 1.42
C ILE A 289 -5.61 -1.52 0.88
N PRO A 290 -5.08 -2.51 1.59
CA PRO A 290 -5.21 -3.90 1.13
C PRO A 290 -6.62 -4.45 1.30
N THR A 291 -7.11 -5.14 0.28
CA THR A 291 -8.45 -5.74 0.32
C THR A 291 -8.31 -7.26 0.27
N ALA A 292 -7.99 -7.86 1.42
CA ALA A 292 -7.80 -9.31 1.53
C ALA A 292 -8.93 -10.14 0.93
N GLN A 293 -10.12 -9.56 0.88
CA GLN A 293 -11.27 -10.25 0.31
C GLN A 293 -11.56 -9.77 -1.09
N HIS A 294 -10.60 -9.04 -1.66
CA HIS A 294 -10.73 -8.49 -3.01
C HIS A 294 -12.02 -7.71 -3.22
N GLY A 295 -12.77 -8.06 -4.25
CA GLY A 295 -14.01 -7.35 -4.49
C GLY A 295 -14.27 -6.87 -5.89
N THR A 296 -15.03 -5.78 -5.98
CA THR A 296 -15.42 -5.20 -7.25
C THR A 296 -14.28 -4.85 -8.23
N HIS A 297 -13.16 -4.37 -7.72
CA HIS A 297 -12.05 -4.04 -8.59
C HIS A 297 -11.44 -5.33 -9.18
N VAL A 298 -11.35 -6.37 -8.35
CA VAL A 298 -10.83 -7.64 -8.82
C VAL A 298 -11.81 -8.27 -9.80
N ASN A 299 -13.11 -8.19 -9.51
CA ASN A 299 -14.10 -8.76 -10.42
C ASN A 299 -13.97 -8.08 -11.79
N GLY A 300 -13.70 -6.78 -11.79
CA GLY A 300 -13.53 -6.06 -13.03
C GLY A 300 -12.33 -6.56 -13.83
N LEU A 301 -11.21 -6.76 -13.16
CA LEU A 301 -10.01 -7.26 -13.82
C LEU A 301 -10.31 -8.64 -14.40
N ARG A 302 -10.89 -9.50 -13.58
CA ARG A 302 -11.25 -10.84 -14.00
C ARG A 302 -12.19 -10.84 -15.22
N SER A 303 -13.26 -10.05 -15.16
CA SER A 303 -14.21 -9.98 -16.27
C SER A 303 -13.56 -9.45 -17.55
N GLY A 304 -12.71 -8.44 -17.39
CA GLY A 304 -12.02 -7.84 -18.51
C GLY A 304 -11.05 -8.78 -19.22
N LEU A 305 -10.27 -9.53 -18.45
CA LEU A 305 -9.33 -10.48 -19.03
C LEU A 305 -10.10 -11.61 -19.67
N THR A 306 -11.23 -11.98 -19.06
CA THR A 306 -12.03 -13.06 -19.61
C THR A 306 -12.61 -12.67 -20.97
N ASP A 307 -13.22 -11.49 -21.05
CA ASP A 307 -13.80 -11.04 -22.31
C ASP A 307 -12.75 -10.99 -23.43
N ALA A 308 -11.58 -10.45 -23.14
CA ALA A 308 -10.54 -10.38 -24.16
C ALA A 308 -10.09 -11.78 -24.59
N LEU A 309 -9.92 -12.67 -23.62
CA LEU A 309 -9.47 -14.02 -23.96
C LEU A 309 -10.53 -14.75 -24.79
N ARG A 310 -11.80 -14.66 -24.38
CA ARG A 310 -12.90 -15.28 -25.10
C ARG A 310 -12.90 -14.83 -26.55
N GLU A 311 -12.80 -13.51 -26.75
CA GLU A 311 -12.79 -12.95 -28.09
C GLU A 311 -11.60 -13.46 -28.88
N PHE A 312 -10.47 -13.64 -28.19
CA PHE A 312 -9.26 -14.14 -28.82
C PHE A 312 -9.51 -15.56 -29.31
N CYS A 313 -10.03 -16.43 -28.44
CA CYS A 313 -10.28 -17.82 -28.79
C CYS A 313 -11.28 -17.96 -29.93
N ASP A 314 -12.21 -17.01 -29.98
CA ASP A 314 -13.22 -16.99 -31.01
C ASP A 314 -12.60 -16.69 -32.36
N PHE A 315 -11.91 -15.56 -32.47
CA PHE A 315 -11.30 -15.19 -33.73
C PHE A 315 -10.27 -16.22 -34.19
N ARG A 316 -9.47 -16.74 -33.26
CA ARG A 316 -8.43 -17.72 -33.58
C ARG A 316 -8.98 -19.14 -33.76
N ASN A 317 -10.27 -19.31 -33.50
CA ASN A 317 -10.89 -20.63 -33.66
C ASN A 317 -10.19 -21.67 -32.79
N LEU A 318 -9.98 -21.36 -31.52
CA LEU A 318 -9.28 -22.28 -30.61
C LEU A 318 -10.18 -23.16 -29.76
N LEU A 319 -11.46 -22.83 -29.70
CA LEU A 319 -12.38 -23.59 -28.87
C LEU A 319 -12.77 -24.97 -29.39
N PRO A 320 -12.55 -26.02 -28.57
CA PRO A 320 -12.88 -27.39 -28.95
C PRO A 320 -14.38 -27.50 -29.10
N ARG A 321 -14.86 -28.62 -29.63
CA ARG A 321 -16.29 -28.83 -29.83
C ARG A 321 -17.06 -28.75 -28.53
N GLY A 322 -18.09 -27.90 -28.51
CA GLY A 322 -18.93 -27.74 -27.33
C GLY A 322 -18.25 -27.17 -26.10
N VAL A 323 -17.13 -26.49 -26.28
CA VAL A 323 -16.41 -25.92 -25.16
C VAL A 323 -16.45 -24.39 -25.19
N LYS A 324 -16.89 -23.81 -24.08
CA LYS A 324 -16.98 -22.36 -23.94
C LYS A 324 -16.22 -21.99 -22.68
N LEU A 325 -15.51 -20.87 -22.72
CA LEU A 325 -14.74 -20.45 -21.56
C LEU A 325 -15.58 -19.75 -20.50
N ALA A 326 -15.42 -20.19 -19.26
CA ALA A 326 -16.12 -19.57 -18.14
C ALA A 326 -15.06 -18.71 -17.46
N PRO A 327 -15.48 -17.64 -16.77
CA PRO A 327 -14.50 -16.79 -16.11
C PRO A 327 -13.62 -17.56 -15.12
N GLU A 328 -14.17 -18.62 -14.54
CA GLU A 328 -13.41 -19.44 -13.59
C GLU A 328 -12.27 -20.15 -14.32
N ASP A 329 -12.48 -20.52 -15.58
CA ASP A 329 -11.45 -21.20 -16.34
C ASP A 329 -10.27 -20.27 -16.57
N VAL A 330 -10.59 -19.01 -16.85
CA VAL A 330 -9.56 -18.02 -17.10
C VAL A 330 -8.83 -17.54 -15.85
N TRP A 331 -9.56 -17.48 -14.73
CA TRP A 331 -9.04 -16.99 -13.46
C TRP A 331 -8.36 -17.99 -12.51
N ASP A 332 -8.69 -19.27 -12.64
CA ASP A 332 -8.13 -20.30 -11.78
C ASP A 332 -6.62 -20.35 -11.58
N ARG A 333 -5.85 -20.10 -12.64
CA ARG A 333 -4.39 -20.15 -12.53
C ARG A 333 -3.75 -18.76 -12.66
N VAL A 334 -4.51 -17.71 -12.39
CA VAL A 334 -3.98 -16.37 -12.50
C VAL A 334 -3.29 -15.86 -11.23
N THR A 335 -2.08 -15.33 -11.40
CA THR A 335 -1.37 -14.75 -10.26
C THR A 335 -1.41 -13.26 -10.58
N PHE A 336 -1.67 -12.43 -9.58
CA PHE A 336 -1.76 -11.01 -9.86
C PHE A 336 -1.61 -10.08 -8.67
N VAL A 337 -1.36 -8.81 -9.01
CA VAL A 337 -1.27 -7.74 -8.04
C VAL A 337 -2.07 -6.64 -8.73
N LEU A 338 -3.04 -6.07 -8.02
CA LEU A 338 -3.88 -5.01 -8.56
C LEU A 338 -3.90 -3.83 -7.61
N SER A 339 -3.70 -2.64 -8.14
CA SER A 339 -3.72 -1.43 -7.33
C SER A 339 -4.65 -0.38 -7.93
N LEU A 340 -5.72 -0.06 -7.20
CA LEU A 340 -6.71 0.92 -7.63
C LEU A 340 -6.68 2.17 -6.77
N LYS A 341 -6.85 3.33 -7.42
CA LYS A 341 -6.90 4.60 -6.70
C LYS A 341 -8.17 5.29 -7.18
N MET A 342 -9.10 5.49 -6.25
CA MET A 342 -10.37 6.12 -6.57
C MET A 342 -10.82 7.00 -5.42
N THR A 343 -11.79 7.86 -5.68
CA THR A 343 -12.30 8.75 -4.66
C THR A 343 -13.39 8.10 -3.80
N ASP A 344 -13.21 8.21 -2.50
CA ASP A 344 -14.16 7.68 -1.52
C ASP A 344 -14.66 6.28 -1.84
N PRO A 345 -13.80 5.27 -1.68
CA PRO A 345 -14.16 3.88 -1.94
C PRO A 345 -15.05 3.30 -0.84
N GLN A 346 -16.07 2.56 -1.25
CA GLN A 346 -16.97 1.94 -0.29
C GLN A 346 -16.59 0.47 -0.10
N PHE A 347 -16.51 0.04 1.16
CA PHE A 347 -16.14 -1.32 1.49
C PHE A 347 -17.30 -2.13 2.07
N SER A 348 -17.28 -3.43 1.80
CA SER A 348 -18.32 -4.34 2.28
C SER A 348 -17.65 -5.50 2.99
N GLY A 349 -18.42 -6.53 3.31
CA GLY A 349 -17.87 -7.68 3.99
C GLY A 349 -17.91 -7.51 5.49
N GLN A 350 -17.85 -8.63 6.22
CA GLN A 350 -17.91 -8.60 7.67
C GLN A 350 -16.78 -7.79 8.33
N THR A 351 -15.81 -7.34 7.55
CA THR A 351 -14.70 -6.58 8.11
C THR A 351 -14.17 -5.46 7.21
N LYS A 352 -14.99 -4.99 6.28
CA LYS A 352 -14.58 -3.92 5.39
C LYS A 352 -13.41 -4.30 4.46
N GLU A 353 -13.00 -5.56 4.49
CA GLU A 353 -11.89 -6.03 3.68
C GLU A 353 -12.23 -6.36 2.22
N ARG A 354 -13.33 -5.81 1.73
CA ARG A 354 -13.76 -6.03 0.36
C ARG A 354 -14.31 -4.73 -0.23
N LEU A 355 -13.97 -4.44 -1.49
CA LEU A 355 -14.44 -3.23 -2.16
C LEU A 355 -15.80 -3.46 -2.82
N SER A 356 -16.70 -2.48 -2.71
CA SER A 356 -18.04 -2.60 -3.30
C SER A 356 -18.36 -1.62 -4.43
N SER A 357 -17.50 -0.63 -4.64
CA SER A 357 -17.74 0.36 -5.69
C SER A 357 -18.01 -0.27 -7.06
N ARG A 358 -19.28 -0.32 -7.44
CA ARG A 358 -19.69 -0.88 -8.73
C ARG A 358 -18.98 -0.12 -9.86
N GLN A 359 -18.69 1.14 -9.62
CA GLN A 359 -18.00 1.99 -10.58
C GLN A 359 -16.63 1.42 -10.92
N ALA A 360 -15.93 0.93 -9.89
CA ALA A 360 -14.60 0.36 -10.05
C ALA A 360 -14.58 -0.83 -11.01
N ALA A 361 -15.59 -1.68 -10.92
CA ALA A 361 -15.69 -2.85 -11.77
C ALA A 361 -15.71 -2.46 -13.25
N GLY A 362 -16.64 -1.60 -13.62
CA GLY A 362 -16.72 -1.17 -15.01
C GLY A 362 -15.46 -0.49 -15.51
N PHE A 363 -14.87 0.32 -14.64
CA PHE A 363 -13.64 1.04 -14.99
C PHE A 363 -12.49 0.09 -15.30
N ILE A 364 -12.24 -0.84 -14.39
CA ILE A 364 -11.13 -1.79 -14.59
C ILE A 364 -11.44 -2.82 -15.66
N GLU A 365 -12.71 -3.23 -15.76
CA GLU A 365 -13.11 -4.18 -16.78
C GLU A 365 -12.75 -3.65 -18.16
N GLY A 366 -13.08 -2.39 -18.40
CA GLY A 366 -12.78 -1.78 -19.69
C GLY A 366 -11.28 -1.62 -19.90
N ALA A 367 -10.56 -1.26 -18.85
CA ALA A 367 -9.11 -1.09 -18.94
C ALA A 367 -8.42 -2.42 -19.28
N ALA A 368 -8.78 -3.47 -18.55
CA ALA A 368 -8.17 -4.78 -18.77
C ALA A 368 -8.58 -5.38 -20.11
N HIS A 369 -9.85 -5.19 -20.47
CA HIS A 369 -10.38 -5.71 -21.74
C HIS A 369 -9.60 -5.16 -22.91
N ASP A 370 -9.54 -3.83 -23.01
CA ASP A 370 -8.84 -3.18 -24.11
C ASP A 370 -7.35 -3.47 -24.12
N ALA A 371 -6.74 -3.44 -22.94
CA ALA A 371 -5.31 -3.68 -22.82
C ALA A 371 -4.93 -5.12 -23.14
N PHE A 372 -5.68 -6.07 -22.60
CA PHE A 372 -5.35 -7.46 -22.86
C PHE A 372 -5.63 -7.86 -24.33
N SER A 373 -6.68 -7.31 -24.93
CA SER A 373 -6.97 -7.62 -26.34
C SER A 373 -5.78 -7.20 -27.18
N LEU A 374 -5.30 -5.98 -26.98
CA LEU A 374 -4.16 -5.48 -27.74
C LEU A 374 -2.94 -6.38 -27.54
N TYR A 375 -2.65 -6.74 -26.29
CA TYR A 375 -1.50 -7.58 -26.01
C TYR A 375 -1.60 -8.94 -26.69
N LEU A 376 -2.76 -9.57 -26.56
CA LEU A 376 -2.98 -10.88 -27.18
C LEU A 376 -2.79 -10.79 -28.69
N ASN A 377 -3.30 -9.74 -29.30
CA ASN A 377 -3.19 -9.61 -30.76
C ASN A 377 -1.80 -9.33 -31.26
N GLN A 378 -0.92 -8.87 -30.37
CA GLN A 378 0.45 -8.59 -30.74
C GLN A 378 1.41 -9.65 -30.20
N ASN A 379 0.87 -10.63 -29.50
CA ASN A 379 1.68 -11.70 -28.93
C ASN A 379 0.86 -12.98 -29.07
N VAL A 380 0.59 -13.34 -30.32
CA VAL A 380 -0.24 -14.50 -30.64
C VAL A 380 0.19 -15.81 -30.01
N GLU A 381 1.46 -16.16 -30.14
CA GLU A 381 1.97 -17.40 -29.58
C GLU A 381 1.73 -17.48 -28.07
N ILE A 382 2.12 -16.43 -27.36
CA ILE A 382 1.93 -16.41 -25.92
C ILE A 382 0.43 -16.44 -25.66
N GLY A 383 -0.33 -15.67 -26.44
CA GLY A 383 -1.77 -15.64 -26.27
C GLY A 383 -2.41 -17.02 -26.39
N GLU A 384 -1.97 -17.81 -27.37
CA GLU A 384 -2.56 -19.13 -27.55
C GLU A 384 -2.18 -20.07 -26.41
N LYS A 385 -1.02 -19.83 -25.79
CA LYS A 385 -0.60 -20.65 -24.66
C LYS A 385 -1.46 -20.33 -23.43
N ILE A 386 -1.83 -19.06 -23.28
CA ILE A 386 -2.67 -18.66 -22.15
C ILE A 386 -4.06 -19.24 -22.37
N ALA A 387 -4.59 -19.06 -23.58
CA ALA A 387 -5.90 -19.56 -23.92
C ALA A 387 -5.99 -21.06 -23.66
N GLN A 388 -4.92 -21.78 -24.00
CA GLN A 388 -4.88 -23.22 -23.80
C GLN A 388 -5.00 -23.59 -22.32
N ILE A 389 -4.36 -22.81 -21.46
CA ILE A 389 -4.47 -23.09 -20.03
C ILE A 389 -5.94 -23.01 -19.63
N ALA A 390 -6.63 -21.99 -20.11
CA ALA A 390 -8.05 -21.81 -19.82
C ALA A 390 -8.89 -22.90 -20.50
N ILE A 391 -8.57 -23.19 -21.76
CA ILE A 391 -9.29 -24.23 -22.51
C ILE A 391 -9.17 -25.58 -21.82
N ASP A 392 -7.98 -25.91 -21.33
CA ASP A 392 -7.80 -27.18 -20.66
C ASP A 392 -8.69 -27.30 -19.43
N ARG A 393 -8.89 -26.17 -18.74
CA ARG A 393 -9.75 -26.15 -17.56
C ARG A 393 -11.19 -26.40 -18.01
N ALA A 394 -11.61 -25.67 -19.04
CA ALA A 394 -12.95 -25.80 -19.57
C ALA A 394 -13.21 -27.22 -20.11
N SER A 395 -12.31 -27.72 -20.96
CA SER A 395 -12.46 -29.06 -21.51
C SER A 395 -12.52 -30.04 -20.34
N ALA A 396 -11.73 -29.76 -19.31
CA ALA A 396 -11.68 -30.60 -18.13
C ALA A 396 -12.66 -30.04 -17.08
N ARG A 397 -13.93 -30.00 -17.45
CA ARG A 397 -14.97 -29.49 -16.56
C ARG A 397 -16.35 -29.83 -17.14
#